data_4XA7
#
_entry.id   4XA7
#
_cell.length_a   39.560
_cell.length_b   55.410
_cell.length_c   46.550
_cell.angle_alpha   90.00
_cell.angle_beta   91.67
_cell.angle_gamma   90.00
#
_symmetry.space_group_name_H-M   'P 1 21 1'
#
loop_
_entity.id
_entity.type
_entity.pdbx_description
1 polymer 'Na(+)-translocating NADH-quinone reductase subunit C'
2 non-polymer 'FLAVIN MONONUCLEOTIDE'
3 non-polymer 'CHLORIDE ION'
4 water water
#
_entity_poly.entity_id   1
_entity_poly.type   'polypeptide(L)'
_entity_poly.pdbx_seq_one_letter_code
;MGDQQKANAVLDKQSKIIEVAGIDAEGKKVPELFAEYIEPRLVDFKTGDFVEKAEDGSTAANYDQRKAAKDPAESIKLTA
DEDKAKILRRANTGIVYLVKSGDDISKVIIPVHGNGLWSMMYAFVAVETDGNTVSGITYYEQGETPGLGGEVENPAWRAQ
FVGKKLFDENHKPAIKIVKGGAPEGSEHGVDGLSGATLTGNGVQGTFDFWLGDMGFGPFLAKVRDGGLNSKLGPEQKLIS
EEDLNSAVDHHHHHH
;
_entity_poly.pdbx_strand_id   A
#
# COMPACT_ATOMS: atom_id res chain seq x y z
N GLN A 4 -20.64 17.88 3.49
CA GLN A 4 -19.20 18.05 3.33
C GLN A 4 -18.63 17.00 2.37
N GLN A 5 -17.83 17.46 1.40
CA GLN A 5 -17.22 16.55 0.43
C GLN A 5 -15.71 16.81 0.23
N LYS A 6 -14.79 16.09 0.89
CA LYS A 6 -14.94 15.17 2.06
C LYS A 6 -15.65 13.83 1.85
N ALA A 7 -16.86 13.83 1.32
CA ALA A 7 -17.57 12.59 1.00
C ALA A 7 -17.05 12.02 -0.32
N ASN A 8 -16.98 12.87 -1.34
CA ASN A 8 -16.45 12.45 -2.64
C ASN A 8 -15.00 11.97 -2.55
N ALA A 9 -14.28 12.46 -1.54
CA ALA A 9 -12.92 12.02 -1.30
C ALA A 9 -12.89 10.61 -0.71
N VAL A 10 -13.75 10.38 0.27
CA VAL A 10 -13.91 9.05 0.87
C VAL A 10 -14.37 8.06 -0.20
N LEU A 11 -15.27 8.49 -1.06
CA LEU A 11 -15.84 7.63 -2.09
C LEU A 11 -14.84 7.23 -3.17
N ASP A 12 -13.98 8.16 -3.60
CA ASP A 12 -12.97 7.80 -4.60
C ASP A 12 -11.94 6.86 -3.99
N LYS A 13 -11.63 7.06 -2.71
CA LYS A 13 -10.74 6.15 -2.00
C LYS A 13 -11.33 4.74 -2.00
N GLN A 14 -12.62 4.65 -1.69
CA GLN A 14 -13.30 3.36 -1.71
C GLN A 14 -13.28 2.78 -3.11
N SER A 15 -13.48 3.63 -4.12
CA SER A 15 -13.44 3.22 -5.51
C SER A 15 -12.10 2.60 -5.88
N LYS A 16 -11.03 3.22 -5.42
CA LYS A 16 -9.68 2.76 -5.73
C LYS A 16 -9.41 1.43 -5.04
N ILE A 17 -9.93 1.28 -3.82
CA ILE A 17 -9.80 0.03 -3.10
C ILE A 17 -10.53 -1.08 -3.84
N ILE A 18 -11.79 -0.82 -4.21
CA ILE A 18 -12.55 -1.78 -5.01
C ILE A 18 -11.84 -2.08 -6.32
N GLU A 19 -11.29 -1.05 -6.94
CA GLU A 19 -10.59 -1.20 -8.21
C GLU A 19 -9.41 -2.17 -8.12
N VAL A 20 -8.56 -1.97 -7.11
CA VAL A 20 -7.35 -2.77 -6.99
C VAL A 20 -7.66 -4.16 -6.44
N ALA A 21 -8.84 -4.30 -5.82
CA ALA A 21 -9.27 -5.57 -5.25
C ALA A 21 -9.64 -6.61 -6.32
N GLY A 22 -9.88 -6.14 -7.54
CA GLY A 22 -10.22 -7.03 -8.64
C GLY A 22 -11.61 -7.61 -8.52
N ILE A 23 -12.53 -6.80 -8.01
CA ILE A 23 -13.92 -7.21 -7.84
C ILE A 23 -14.74 -6.83 -9.06
N ASP A 24 -15.51 -7.77 -9.59
CA ASP A 24 -16.41 -7.45 -10.70
C ASP A 24 -17.63 -6.70 -10.17
N ALA A 25 -17.76 -5.44 -10.59
CA ALA A 25 -18.88 -4.61 -10.18
C ALA A 25 -20.08 -4.90 -11.08
N GLU A 26 -20.98 -5.75 -10.61
CA GLU A 26 -22.16 -6.13 -11.38
C GLU A 26 -23.17 -4.98 -11.47
N GLY A 27 -22.68 -3.78 -11.77
CA GLY A 27 -23.51 -2.60 -11.86
C GLY A 27 -23.72 -1.90 -10.53
N LYS A 28 -23.24 -2.53 -9.45
CA LYS A 28 -23.45 -1.99 -8.11
C LYS A 28 -22.65 -0.72 -7.89
N LYS A 29 -23.08 0.08 -6.92
CA LYS A 29 -22.40 1.33 -6.59
C LYS A 29 -21.28 1.07 -5.60
N VAL A 30 -20.29 1.96 -5.57
CA VAL A 30 -19.11 1.79 -4.72
C VAL A 30 -19.43 1.58 -3.22
N PRO A 31 -20.31 2.40 -2.62
CA PRO A 31 -20.54 2.19 -1.19
C PRO A 31 -21.16 0.83 -0.89
N GLU A 32 -21.86 0.30 -1.88
CA GLU A 32 -22.51 -1.00 -1.77
C GLU A 32 -21.50 -2.14 -1.90
N LEU A 33 -20.58 -2.00 -2.86
CA LEU A 33 -19.54 -3.01 -3.06
C LEU A 33 -18.57 -3.04 -1.89
N PHE A 34 -18.33 -1.89 -1.30
CA PHE A 34 -17.37 -1.78 -0.21
C PHE A 34 -17.85 -2.52 1.03
N ALA A 35 -19.15 -2.40 1.29
CA ALA A 35 -19.77 -3.08 2.43
C ALA A 35 -19.80 -4.59 2.22
N GLU A 36 -20.04 -5.02 1.00
CA GLU A 36 -20.16 -6.44 0.69
C GLU A 36 -18.81 -7.16 0.71
N TYR A 37 -17.78 -6.51 0.20
CA TYR A 37 -16.53 -7.19 -0.08
C TYR A 37 -15.32 -6.72 0.73
N ILE A 38 -15.41 -5.59 1.40
CA ILE A 38 -14.24 -5.06 2.11
C ILE A 38 -14.42 -5.07 3.63
N GLU A 39 -13.41 -5.56 4.33
CA GLU A 39 -13.37 -5.51 5.78
C GLU A 39 -12.11 -4.77 6.24
N PRO A 40 -12.28 -3.52 6.68
CA PRO A 40 -11.17 -2.69 7.17
C PRO A 40 -10.70 -3.20 8.52
N ARG A 41 -9.39 -3.31 8.70
CA ARG A 41 -8.84 -3.73 9.99
C ARG A 41 -7.66 -2.85 10.37
N LEU A 42 -7.48 -2.62 11.67
CA LEU A 42 -6.31 -1.90 12.15
C LEU A 42 -5.19 -2.89 12.42
N VAL A 43 -3.95 -2.46 12.18
CA VAL A 43 -2.79 -3.31 12.35
C VAL A 43 -1.71 -2.59 13.15
N ASP A 44 -1.21 -3.23 14.21
CA ASP A 44 -0.03 -2.70 14.91
C ASP A 44 1.22 -3.00 14.11
N PHE A 45 1.86 -1.97 13.56
CA PHE A 45 3.01 -2.20 12.68
C PHE A 45 4.11 -3.01 13.34
N LYS A 46 4.49 -2.65 14.57
CA LYS A 46 5.64 -3.30 15.21
C LYS A 46 5.47 -4.80 15.36
N THR A 47 4.28 -5.24 15.79
CA THR A 47 4.02 -6.66 16.00
C THR A 47 3.40 -7.34 14.78
N GLY A 48 2.70 -6.56 13.96
CA GLY A 48 2.01 -7.11 12.80
C GLY A 48 0.65 -7.69 13.16
N ASP A 49 0.22 -7.46 14.40
CA ASP A 49 -1.07 -8.01 14.86
C ASP A 49 -2.26 -7.09 14.55
N PHE A 50 -3.41 -7.71 14.33
CA PHE A 50 -4.66 -6.97 14.26
C PHE A 50 -5.00 -6.39 15.64
N VAL A 51 -5.40 -5.13 15.65
CA VAL A 51 -5.91 -4.50 16.88
C VAL A 51 -7.30 -3.92 16.64
N GLU A 52 -8.08 -3.83 17.71
CA GLU A 52 -9.45 -3.34 17.62
C GLU A 52 -9.52 -1.82 17.63
N LYS A 53 -8.59 -1.20 18.34
CA LYS A 53 -8.54 0.25 18.45
C LYS A 53 -7.13 0.81 18.37
N ALA A 54 -7.01 2.02 17.85
CA ALA A 54 -5.76 2.76 17.88
C ALA A 54 -5.61 3.46 19.23
N GLU A 55 -4.44 4.04 19.47
CA GLU A 55 -4.17 4.76 20.72
C GLU A 55 -5.16 5.90 20.93
N ASP A 56 -5.55 6.57 19.86
CA ASP A 56 -6.45 7.72 19.97
C ASP A 56 -7.90 7.30 20.20
N GLY A 57 -8.13 5.99 20.26
CA GLY A 57 -9.44 5.44 20.54
C GLY A 57 -10.23 5.10 19.30
N SER A 58 -9.68 5.39 18.13
CA SER A 58 -10.39 5.13 16.87
C SER A 58 -10.52 3.64 16.59
N THR A 59 -11.60 3.28 15.90
CA THR A 59 -11.75 1.94 15.35
C THR A 59 -11.39 1.98 13.87
N ALA A 60 -11.44 0.83 13.22
CA ALA A 60 -11.11 0.72 11.80
C ALA A 60 -11.99 1.63 10.95
N ALA A 61 -13.21 1.89 11.41
CA ALA A 61 -14.21 2.60 10.63
C ALA A 61 -14.01 4.12 10.62
N ASN A 62 -13.30 4.65 11.61
CA ASN A 62 -13.10 6.10 11.71
C ASN A 62 -11.66 6.52 11.95
N TYR A 63 -10.72 5.59 11.84
CA TYR A 63 -9.30 5.89 12.06
C TYR A 63 -8.75 6.77 10.95
N ASP A 64 -8.04 7.82 11.35
CA ASP A 64 -7.36 8.71 10.40
C ASP A 64 -5.86 8.50 10.56
N GLN A 65 -5.28 7.69 9.69
CA GLN A 65 -3.86 7.36 9.81
C GLN A 65 -2.96 8.57 9.54
N ARG A 66 -3.37 9.45 8.63
CA ARG A 66 -2.57 10.63 8.32
C ARG A 66 -2.49 11.57 9.52
N LYS A 67 -3.63 11.77 10.18
CA LYS A 67 -3.68 12.61 11.37
C LYS A 67 -2.88 11.97 12.50
N ALA A 68 -3.01 10.64 12.62
CA ALA A 68 -2.30 9.89 13.65
C ALA A 68 -0.79 9.99 13.50
N ALA A 69 -0.32 10.08 12.26
CA ALA A 69 1.10 10.10 11.99
C ALA A 69 1.76 11.38 12.50
N LYS A 70 0.96 12.43 12.67
CA LYS A 70 1.47 13.71 13.14
C LYS A 70 1.14 13.96 14.60
N ASP A 71 0.54 12.97 15.25
CA ASP A 71 0.28 13.01 16.68
C ASP A 71 1.35 12.20 17.41
N PRO A 72 2.21 12.86 18.19
CA PRO A 72 3.34 12.21 18.86
C PRO A 72 2.90 11.12 19.82
N ALA A 73 1.64 11.18 20.25
CA ALA A 73 1.11 10.21 21.19
C ALA A 73 0.92 8.84 20.56
N GLU A 74 0.86 8.79 19.23
CA GLU A 74 0.64 7.52 18.53
C GLU A 74 1.41 7.45 17.21
N SER A 75 2.60 8.07 17.18
CA SER A 75 3.47 7.96 16.03
C SER A 75 4.94 8.07 16.45
N ILE A 76 5.83 7.78 15.52
CA ILE A 76 7.25 7.95 15.76
C ILE A 76 7.88 8.89 14.73
N LYS A 77 8.99 9.50 15.13
CA LYS A 77 9.80 10.31 14.23
C LYS A 77 10.89 9.43 13.65
N LEU A 78 10.97 9.38 12.32
CA LEU A 78 11.97 8.56 11.64
C LEU A 78 13.28 9.33 11.47
N THR A 79 14.41 8.66 11.72
CA THR A 79 15.70 9.25 11.41
C THR A 79 15.82 9.35 9.90
N ALA A 80 16.72 10.19 9.42
CA ALA A 80 16.85 10.37 7.97
C ALA A 80 17.20 9.05 7.28
N ASP A 81 18.05 8.24 7.90
N ASP A 81 18.04 8.25 7.91
CA ASP A 81 18.47 6.97 7.30
CA ASP A 81 18.47 6.98 7.35
C ASP A 81 17.38 5.89 7.36
C ASP A 81 17.33 5.97 7.32
N GLU A 82 16.50 5.98 8.36
CA GLU A 82 15.35 5.06 8.46
C GLU A 82 14.28 5.43 7.46
N ASP A 83 14.21 6.73 7.15
CA ASP A 83 13.10 7.32 6.42
C ASP A 83 13.28 7.17 4.92
N LYS A 84 13.27 5.93 4.45
CA LYS A 84 13.56 5.65 3.05
C LYS A 84 12.48 6.18 2.11
N ALA A 85 11.25 6.26 2.61
CA ALA A 85 10.14 6.75 1.81
C ALA A 85 10.00 8.26 1.93
N LYS A 86 10.81 8.87 2.80
CA LYS A 86 10.82 10.32 2.99
C LYS A 86 9.45 10.84 3.44
N ILE A 87 8.96 10.30 4.55
CA ILE A 87 7.64 10.66 5.07
C ILE A 87 7.72 11.33 6.46
N LEU A 88 8.93 11.43 6.99
CA LEU A 88 9.25 12.11 8.26
C LEU A 88 8.74 11.39 9.51
N ARG A 89 7.48 10.98 9.50
CA ARG A 89 6.86 10.35 10.67
C ARG A 89 6.04 9.13 10.26
N ARG A 90 5.77 8.24 11.20
CA ARG A 90 4.96 7.07 10.92
C ARG A 90 4.00 6.79 12.07
N ALA A 91 2.70 6.76 11.77
CA ALA A 91 1.71 6.33 12.76
C ALA A 91 2.05 4.92 13.26
N ASN A 92 1.77 4.64 14.53
CA ASN A 92 2.08 3.33 15.09
C ASN A 92 1.10 2.25 14.62
N THR A 93 -0.11 2.69 14.30
CA THR A 93 -1.17 1.79 13.87
C THR A 93 -1.53 2.12 12.42
N GLY A 94 -1.67 1.09 11.59
CA GLY A 94 -2.09 1.29 10.21
C GLY A 94 -3.44 0.69 9.96
N ILE A 95 -4.01 1.00 8.80
CA ILE A 95 -5.27 0.37 8.40
C ILE A 95 -5.01 -0.49 7.17
N VAL A 96 -5.64 -1.66 7.11
CA VAL A 96 -5.59 -2.48 5.91
C VAL A 96 -7.00 -2.90 5.54
N TYR A 97 -7.17 -3.31 4.29
CA TYR A 97 -8.49 -3.65 3.78
C TYR A 97 -8.51 -5.09 3.31
N LEU A 98 -9.19 -5.95 4.06
CA LEU A 98 -9.30 -7.33 3.66
C LEU A 98 -10.41 -7.47 2.63
N VAL A 99 -10.16 -8.27 1.60
CA VAL A 99 -11.17 -8.55 0.58
C VAL A 99 -11.83 -9.88 0.90
N LYS A 100 -13.14 -9.85 1.09
CA LYS A 100 -13.90 -11.05 1.43
C LYS A 100 -14.37 -11.77 0.17
N SER A 101 -14.08 -13.06 0.09
CA SER A 101 -14.65 -13.90 -0.94
C SER A 101 -16.04 -14.31 -0.46
N GLY A 102 -16.09 -15.42 0.27
CA GLY A 102 -17.31 -15.81 0.94
C GLY A 102 -17.12 -15.62 2.42
N ASP A 103 -16.70 -16.70 3.09
CA ASP A 103 -16.35 -16.65 4.50
C ASP A 103 -14.84 -16.53 4.63
N ASP A 104 -14.16 -16.53 3.48
CA ASP A 104 -12.71 -16.47 3.44
C ASP A 104 -12.21 -15.09 3.02
N ILE A 105 -10.94 -14.82 3.31
CA ILE A 105 -10.28 -13.62 2.82
C ILE A 105 -9.48 -13.97 1.56
N SER A 106 -9.72 -13.23 0.49
CA SER A 106 -9.10 -13.53 -0.80
C SER A 106 -7.82 -12.73 -1.03
N LYS A 107 -7.78 -11.51 -0.50
CA LYS A 107 -6.63 -10.63 -0.64
C LYS A 107 -6.54 -9.68 0.54
N VAL A 108 -5.39 -9.05 0.71
CA VAL A 108 -5.30 -7.92 1.62
C VAL A 108 -4.73 -6.72 0.86
N ILE A 109 -5.35 -5.57 1.06
CA ILE A 109 -4.91 -4.34 0.42
C ILE A 109 -4.26 -3.43 1.44
N ILE A 110 -3.01 -3.08 1.21
CA ILE A 110 -2.28 -2.23 2.14
C ILE A 110 -2.04 -0.84 1.55
N PRO A 111 -2.26 0.21 2.36
CA PRO A 111 -1.95 1.60 1.99
C PRO A 111 -0.48 1.87 2.21
N VAL A 112 0.17 2.38 1.18
N VAL A 112 0.11 2.52 1.22
CA VAL A 112 1.56 2.78 1.27
CA VAL A 112 1.54 2.74 1.20
C VAL A 112 1.72 4.19 0.73
C VAL A 112 1.80 4.13 0.60
N HIS A 113 2.77 4.88 1.15
CA HIS A 113 3.08 6.19 0.59
C HIS A 113 4.53 6.61 0.75
N GLY A 114 4.94 7.54 -0.10
CA GLY A 114 6.30 8.05 -0.09
C GLY A 114 6.36 9.35 -0.85
N ASN A 115 7.37 10.18 -0.56
CA ASN A 115 7.46 11.48 -1.20
C ASN A 115 8.01 11.38 -2.61
N GLY A 116 7.36 12.07 -3.54
CA GLY A 116 7.84 12.15 -4.90
C GLY A 116 8.63 13.42 -5.09
N LEU A 117 8.63 13.95 -6.32
CA LEU A 117 9.32 15.20 -6.58
C LEU A 117 8.50 16.39 -6.10
N TRP A 118 7.21 16.40 -6.46
CA TRP A 118 6.36 17.55 -6.19
C TRP A 118 5.35 17.28 -5.09
N SER A 119 5.16 16.01 -4.77
CA SER A 119 4.02 15.63 -3.96
C SER A 119 4.24 14.34 -3.19
N MET A 120 3.52 14.20 -2.07
CA MET A 120 3.42 12.92 -1.39
C MET A 120 2.56 11.99 -2.23
N MET A 121 3.05 10.77 -2.45
CA MET A 121 2.36 9.84 -3.35
C MET A 121 1.77 8.67 -2.57
N TYR A 122 0.45 8.54 -2.63
CA TYR A 122 -0.27 7.51 -1.88
C TYR A 122 -0.80 6.42 -2.81
N ALA A 123 -0.56 5.17 -2.44
CA ALA A 123 -1.02 4.05 -3.25
C ALA A 123 -1.66 2.94 -2.43
N PHE A 124 -2.49 2.13 -3.08
CA PHE A 124 -2.93 0.86 -2.52
C PHE A 124 -2.26 -0.27 -3.25
N VAL A 125 -1.73 -1.23 -2.50
CA VAL A 125 -1.15 -2.43 -3.07
C VAL A 125 -1.96 -3.65 -2.65
N ALA A 126 -2.45 -4.41 -3.63
CA ALA A 126 -3.21 -5.62 -3.34
C ALA A 126 -2.27 -6.82 -3.26
N VAL A 127 -2.27 -7.50 -2.11
CA VAL A 127 -1.42 -8.65 -1.89
C VAL A 127 -2.25 -9.94 -1.71
N GLU A 128 -1.81 -11.03 -2.36
CA GLU A 128 -2.46 -12.33 -2.20
C GLU A 128 -2.26 -12.86 -0.78
N THR A 129 -2.98 -13.91 -0.41
CA THR A 129 -2.92 -14.40 0.97
C THR A 129 -1.63 -15.19 1.25
N ASP A 130 -0.70 -15.20 0.30
CA ASP A 130 0.64 -15.71 0.55
C ASP A 130 1.49 -14.61 1.18
N GLY A 131 0.92 -13.42 1.26
CA GLY A 131 1.60 -12.28 1.85
C GLY A 131 2.84 -11.86 1.07
N ASN A 132 2.88 -12.19 -0.22
CA ASN A 132 4.08 -11.95 -1.00
C ASN A 132 3.82 -11.51 -2.44
N THR A 133 2.84 -12.16 -3.08
CA THR A 133 2.54 -11.89 -4.48
C THR A 133 1.63 -10.67 -4.65
N VAL A 134 2.06 -9.73 -5.47
CA VAL A 134 1.26 -8.54 -5.75
C VAL A 134 0.13 -8.87 -6.73
N SER A 135 -1.08 -8.42 -6.41
CA SER A 135 -2.24 -8.65 -7.25
C SER A 135 -2.55 -7.41 -8.08
N GLY A 136 -2.13 -6.26 -7.58
CA GLY A 136 -2.32 -5.01 -8.28
C GLY A 136 -1.89 -3.81 -7.45
N ILE A 137 -1.74 -2.67 -8.12
CA ILE A 137 -1.39 -1.42 -7.45
C ILE A 137 -2.13 -0.28 -8.11
N THR A 138 -2.50 0.72 -7.32
N THR A 138 -2.52 0.71 -7.31
CA THR A 138 -3.10 1.92 -7.88
CA THR A 138 -3.17 1.92 -7.81
C THR A 138 -2.71 3.11 -7.00
C THR A 138 -2.77 3.12 -6.97
N TYR A 139 -2.36 4.21 -7.63
CA TYR A 139 -2.05 5.43 -6.92
C TYR A 139 -3.32 6.26 -6.78
N TYR A 140 -3.72 6.55 -5.55
CA TYR A 140 -5.00 7.22 -5.35
C TYR A 140 -4.83 8.69 -4.98
N GLU A 141 -3.59 9.11 -4.74
CA GLU A 141 -3.30 10.52 -4.56
C GLU A 141 -1.85 10.81 -4.91
N GLN A 142 -1.66 11.57 -5.98
CA GLN A 142 -0.33 12.04 -6.34
C GLN A 142 -0.44 13.30 -7.18
N GLY A 143 0.63 14.10 -7.16
CA GLY A 143 0.64 15.36 -7.89
C GLY A 143 1.91 15.55 -8.69
N GLU A 144 2.43 14.45 -9.23
CA GLU A 144 3.61 14.53 -10.08
C GLU A 144 3.22 15.00 -11.48
N THR A 145 4.20 15.41 -12.27
CA THR A 145 3.93 15.99 -13.57
C THR A 145 3.40 14.98 -14.57
N PRO A 146 2.25 15.28 -15.21
CA PRO A 146 1.73 14.42 -16.27
C PRO A 146 2.79 14.20 -17.34
N GLY A 147 2.98 12.95 -17.76
CA GLY A 147 3.96 12.65 -18.79
C GLY A 147 5.32 12.28 -18.22
N LEU A 148 5.56 12.63 -16.97
CA LEU A 148 6.78 12.23 -16.30
C LEU A 148 6.41 11.40 -15.07
N GLY A 149 6.46 12.00 -13.89
CA GLY A 149 6.13 11.29 -12.67
C GLY A 149 4.66 10.90 -12.58
N GLY A 150 3.80 11.63 -13.27
CA GLY A 150 2.38 11.34 -13.26
C GLY A 150 2.07 9.99 -13.86
N GLU A 151 3.07 9.39 -14.49
CA GLU A 151 2.93 8.11 -15.16
C GLU A 151 2.80 6.94 -14.19
N VAL A 152 2.83 7.22 -12.89
CA VAL A 152 2.53 6.17 -11.91
C VAL A 152 1.08 5.75 -12.01
N GLU A 153 0.27 6.56 -12.69
CA GLU A 153 -1.14 6.22 -12.89
C GLU A 153 -1.40 5.46 -14.19
N ASN A 154 -0.36 5.35 -15.01
CA ASN A 154 -0.45 4.64 -16.29
CA ASN A 154 -0.45 4.64 -16.29
C ASN A 154 -0.75 3.16 -16.06
N PRO A 155 -1.84 2.66 -16.67
CA PRO A 155 -2.26 1.26 -16.53
C PRO A 155 -1.16 0.28 -16.94
N ALA A 156 -0.37 0.63 -17.94
CA ALA A 156 0.67 -0.27 -18.43
C ALA A 156 1.81 -0.40 -17.43
N TRP A 157 2.13 0.70 -16.74
CA TRP A 157 3.17 0.69 -15.74
C TRP A 157 2.72 -0.07 -14.49
N ARG A 158 1.46 0.12 -14.11
CA ARG A 158 0.93 -0.53 -12.92
C ARG A 158 0.77 -2.03 -13.11
N ALA A 159 0.45 -2.44 -14.34
CA ALA A 159 0.25 -3.85 -14.65
C ALA A 159 1.54 -4.65 -14.48
N GLN A 160 2.68 -3.97 -14.54
CA GLN A 160 3.97 -4.61 -14.37
C GLN A 160 4.16 -5.19 -12.98
N PHE A 161 3.43 -4.66 -12.00
CA PHE A 161 3.53 -5.12 -10.61
C PHE A 161 2.85 -6.47 -10.37
N VAL A 162 1.88 -6.81 -11.23
CA VAL A 162 1.12 -8.03 -11.06
C VAL A 162 1.98 -9.27 -11.17
N GLY A 163 2.02 -10.08 -10.12
CA GLY A 163 2.78 -11.31 -10.12
C GLY A 163 4.16 -11.17 -9.51
N LYS A 164 4.54 -9.93 -9.19
CA LYS A 164 5.83 -9.67 -8.57
C LYS A 164 5.81 -10.05 -7.09
N LYS A 165 6.96 -10.47 -6.57
CA LYS A 165 7.07 -10.83 -5.16
C LYS A 165 7.64 -9.67 -4.35
N LEU A 166 7.00 -9.35 -3.22
CA LEU A 166 7.39 -8.23 -2.39
C LEU A 166 8.71 -8.49 -1.67
N PHE A 167 8.95 -9.74 -1.32
CA PHE A 167 10.06 -10.09 -0.44
C PHE A 167 11.06 -11.05 -1.10
N ASP A 168 12.31 -11.01 -0.67
CA ASP A 168 13.26 -12.01 -1.14
C ASP A 168 13.29 -13.19 -0.19
N GLU A 169 14.36 -13.96 -0.26
N GLU A 169 14.34 -13.99 -0.27
CA GLU A 169 14.49 -15.21 0.49
CA GLU A 169 14.40 -15.23 0.51
C GLU A 169 14.55 -14.96 1.99
C GLU A 169 14.62 -14.99 2.01
N ASN A 170 15.02 -13.79 2.39
CA ASN A 170 15.18 -13.45 3.81
C ASN A 170 14.02 -12.62 4.33
N HIS A 171 12.94 -12.57 3.56
CA HIS A 171 11.78 -11.74 3.84
C HIS A 171 12.15 -10.28 4.02
N LYS A 172 13.10 -9.83 3.20
N LYS A 172 13.11 -9.80 3.24
CA LYS A 172 13.48 -8.42 3.12
CA LYS A 172 13.42 -8.37 3.24
C LYS A 172 12.82 -7.82 1.88
C LYS A 172 12.98 -7.78 1.90
N PRO A 173 12.56 -6.50 1.90
CA PRO A 173 11.93 -5.84 0.75
C PRO A 173 12.71 -6.06 -0.54
N ALA A 174 12.03 -6.50 -1.60
CA ALA A 174 12.72 -6.94 -2.81
C ALA A 174 12.22 -6.26 -4.08
N ILE A 175 11.09 -5.55 -4.00
CA ILE A 175 10.58 -4.83 -5.18
C ILE A 175 11.63 -3.82 -5.67
N LYS A 176 11.92 -3.86 -6.96
CA LYS A 176 12.91 -2.94 -7.54
C LYS A 176 12.31 -2.13 -8.68
N ILE A 177 12.51 -0.82 -8.63
CA ILE A 177 12.19 0.06 -9.74
C ILE A 177 13.43 0.11 -10.62
N VAL A 178 13.43 -0.64 -11.71
CA VAL A 178 14.64 -0.82 -12.52
C VAL A 178 14.74 0.23 -13.62
N LYS A 179 15.72 1.12 -13.48
CA LYS A 179 15.94 2.21 -14.41
C LYS A 179 16.12 1.71 -15.84
N GLY A 180 15.21 2.13 -16.71
CA GLY A 180 15.30 1.82 -18.13
C GLY A 180 14.73 0.48 -18.53
N GLY A 181 13.89 -0.08 -17.67
CA GLY A 181 13.21 -1.32 -17.99
C GLY A 181 13.84 -2.53 -17.34
N ALA A 182 13.08 -3.18 -16.46
CA ALA A 182 13.51 -4.43 -15.86
C ALA A 182 13.60 -5.50 -16.93
N PRO A 183 14.29 -6.61 -16.64
CA PRO A 183 14.21 -7.72 -17.61
C PRO A 183 12.83 -8.36 -17.56
N GLU A 184 12.67 -9.52 -18.19
CA GLU A 184 11.42 -10.25 -18.03
C GLU A 184 11.67 -11.63 -17.45
N GLY A 185 10.59 -12.26 -16.99
CA GLY A 185 10.72 -13.42 -16.13
C GLY A 185 11.31 -12.93 -14.82
N SER A 186 11.10 -11.65 -14.55
CA SER A 186 11.68 -10.98 -13.39
C SER A 186 10.80 -11.17 -12.16
N GLU A 187 11.42 -11.64 -11.08
CA GLU A 187 10.71 -11.93 -9.85
C GLU A 187 10.27 -10.66 -9.14
N HIS A 188 11.09 -9.61 -9.18
CA HIS A 188 10.90 -8.44 -8.34
C HIS A 188 10.91 -7.09 -9.06
N GLY A 189 11.34 -7.07 -10.31
CA GLY A 189 11.60 -5.82 -10.99
C GLY A 189 10.50 -5.29 -11.91
N VAL A 190 10.25 -3.98 -11.81
CA VAL A 190 9.35 -3.28 -12.72
C VAL A 190 10.12 -2.14 -13.39
N ASP A 191 9.62 -1.70 -14.55
CA ASP A 191 10.27 -0.61 -15.28
C ASP A 191 10.20 0.71 -14.52
N GLY A 192 11.29 1.47 -14.55
CA GLY A 192 11.27 2.82 -14.03
C GLY A 192 10.45 3.74 -14.92
N LEU A 193 10.25 4.97 -14.46
CA LEU A 193 9.51 5.98 -15.21
C LEU A 193 10.47 6.82 -16.05
N SER A 194 10.48 6.60 -17.36
CA SER A 194 11.42 7.28 -18.24
C SER A 194 11.35 8.80 -18.07
N GLY A 195 12.51 9.41 -17.79
CA GLY A 195 12.59 10.84 -17.58
C GLY A 195 12.12 11.30 -16.21
N ALA A 196 11.77 10.36 -15.35
CA ALA A 196 11.21 10.68 -14.05
C ALA A 196 11.87 9.86 -12.94
N THR A 197 13.19 9.97 -12.85
CA THR A 197 13.98 9.22 -11.87
C THR A 197 13.64 9.59 -10.45
N LEU A 198 13.32 10.86 -10.21
CA LEU A 198 13.05 11.31 -8.85
C LEU A 198 11.73 10.75 -8.33
N THR A 199 10.69 10.72 -9.17
CA THR A 199 9.46 10.06 -8.77
C THR A 199 9.73 8.58 -8.52
N GLY A 200 10.48 7.96 -9.42
CA GLY A 200 10.83 6.56 -9.31
C GLY A 200 11.55 6.24 -8.01
N ASN A 201 12.48 7.11 -7.62
CA ASN A 201 13.19 6.93 -6.36
C ASN A 201 12.23 6.98 -5.18
N GLY A 202 11.21 7.83 -5.27
CA GLY A 202 10.18 7.93 -4.26
C GLY A 202 9.33 6.67 -4.16
N VAL A 203 9.05 6.08 -5.31
CA VAL A 203 8.33 4.81 -5.35
C VAL A 203 9.20 3.70 -4.72
N GLN A 204 10.48 3.69 -5.08
CA GLN A 204 11.39 2.69 -4.53
C GLN A 204 11.45 2.77 -3.01
N GLY A 205 11.57 4.00 -2.51
CA GLY A 205 11.67 4.24 -1.08
C GLY A 205 10.40 3.86 -0.37
N THR A 206 9.28 4.09 -1.03
CA THR A 206 7.97 3.68 -0.56
C THR A 206 7.96 2.20 -0.21
N PHE A 207 8.42 1.36 -1.13
CA PHE A 207 8.43 -0.08 -0.88
C PHE A 207 9.52 -0.50 0.11
N ASP A 208 10.68 0.13 0.04
CA ASP A 208 11.76 -0.22 0.96
C ASP A 208 11.37 0.02 2.41
N PHE A 209 10.60 1.07 2.66
CA PHE A 209 10.16 1.34 4.03
C PHE A 209 8.94 0.51 4.42
N TRP A 210 7.92 0.50 3.57
CA TRP A 210 6.65 -0.08 4.00
C TRP A 210 6.64 -1.61 3.98
N LEU A 211 7.65 -2.21 3.38
CA LEU A 211 7.82 -3.66 3.46
C LEU A 211 8.79 -4.06 4.57
N GLY A 212 9.35 -3.06 5.25
CA GLY A 212 10.35 -3.30 6.27
C GLY A 212 9.81 -3.49 7.69
N ASP A 213 10.72 -3.54 8.66
CA ASP A 213 10.38 -3.84 10.05
C ASP A 213 9.47 -2.81 10.71
N MET A 214 9.51 -1.58 10.21
CA MET A 214 8.70 -0.52 10.75
C MET A 214 7.40 -0.35 9.98
N GLY A 215 7.23 -1.15 8.93
CA GLY A 215 6.04 -1.06 8.11
C GLY A 215 5.20 -2.32 8.19
N PHE A 216 4.84 -2.85 7.01
CA PHE A 216 3.99 -4.03 6.94
C PHE A 216 4.77 -5.34 6.88
N GLY A 217 6.07 -5.28 7.10
CA GLY A 217 6.89 -6.48 7.16
C GLY A 217 6.37 -7.54 8.13
N PRO A 218 6.29 -7.20 9.42
CA PRO A 218 5.77 -8.12 10.45
C PRO A 218 4.37 -8.64 10.12
N PHE A 219 3.51 -7.76 9.61
CA PHE A 219 2.15 -8.13 9.24
C PHE A 219 2.12 -9.14 8.09
N LEU A 220 2.86 -8.86 7.03
CA LEU A 220 2.81 -9.73 5.86
C LEU A 220 3.44 -11.08 6.17
N ALA A 221 4.34 -11.12 7.14
CA ALA A 221 4.90 -12.39 7.60
C ALA A 221 3.80 -13.23 8.25
N LYS A 222 2.93 -12.59 9.01
CA LYS A 222 1.83 -13.28 9.66
C LYS A 222 0.79 -13.72 8.65
N VAL A 223 0.65 -12.95 7.58
CA VAL A 223 -0.23 -13.32 6.46
C VAL A 223 0.30 -14.57 5.77
N ARG A 224 1.60 -14.55 5.48
CA ARG A 224 2.30 -15.68 4.88
C ARG A 224 2.08 -16.96 5.67
N ASP A 225 2.05 -16.84 6.99
CA ASP A 225 1.87 -18.00 7.86
C ASP A 225 0.40 -18.29 8.13
N GLY A 226 -0.48 -17.70 7.30
CA GLY A 226 -1.89 -18.03 7.31
C GLY A 226 -2.75 -17.22 8.27
N GLY A 227 -2.30 -16.04 8.63
CA GLY A 227 -2.98 -15.21 9.61
C GLY A 227 -4.33 -14.65 9.17
N LEU A 228 -4.62 -14.72 7.88
CA LEU A 228 -5.87 -14.19 7.36
C LEU A 228 -6.99 -15.23 7.43
N ASN A 229 -6.69 -16.42 6.91
N ASN A 229 -6.75 -16.44 6.95
CA ASN A 229 -7.59 -17.56 6.95
CA ASN A 229 -7.79 -17.46 6.99
C ASN A 229 -6.93 -18.74 7.65
C ASN A 229 -7.50 -18.56 8.00
#